data_3PJC
#
_entry.id   3PJC
#
_cell.length_a   41.722
_cell.length_b   71.991
_cell.length_c   107.800
_cell.angle_alpha   90.00
_cell.angle_beta   90.00
_cell.angle_gamma   90.00
#
_symmetry.space_group_name_H-M   'P 21 21 21'
#
loop_
_entity.id
_entity.type
_entity.pdbx_description
1 polymer 'Tyrosine-protein kinase JAK3'
2 non-polymer 3-(1H-indol-3-yl)-4-[2-(4-oxopiperidin-1-yl)-5-(trifluoromethyl)pyrimidin-4-yl]-1H-pyrrole-2,5-dione
3 water water
#
_entity_poly.entity_id   1
_entity_poly.type   'polypeptide(L)'
_entity_poly.pdbx_seq_one_letter_code
;GPQDPTIFEERHLKYISQLGKGNFGSVELCRYDPLGDNTGALVAVKQLQHSGPDQQRDFQREIQILKALHSDFIVKYRGV
SYGPGRQSLRLVMEYLPSGCLRDFLQRHRARLDASRLLLYSSQICKGMEYLGSRRCVHRDLAARNILVESEAHVKIADFG
LAKLLPLDKDYYVVREPGQSPIFWYAPESLSDNIFSRQSDVWSFGVVLYELFTYCDKSCSPSAEFLRMMGCERDVPALCR
LLELLEEGQRLPAPPACPAEVHELMKLCWAPSPQDRPSFSALGPQLDMLWSGSRGCETHAFTAHPEGKHHSLSFS
;
_entity_poly.pdbx_strand_id   A
#
# COMPACT_ATOMS: atom_id res chain seq x y z
N THR A 6 -11.91 -23.01 -4.10
CA THR A 6 -11.21 -22.66 -5.32
C THR A 6 -9.71 -23.04 -5.20
N ILE A 7 -9.46 -24.37 -5.19
CA ILE A 7 -8.12 -24.94 -5.09
C ILE A 7 -7.50 -25.06 -6.49
N PHE A 8 -6.23 -24.65 -6.60
CA PHE A 8 -5.45 -24.68 -7.83
C PHE A 8 -4.43 -25.79 -7.71
N GLU A 9 -4.39 -26.72 -8.68
CA GLU A 9 -3.45 -27.84 -8.60
C GLU A 9 -2.06 -27.33 -8.93
N GLU A 10 -1.10 -27.62 -8.06
CA GLU A 10 0.30 -27.20 -8.12
C GLU A 10 1.00 -27.64 -9.41
N ARG A 11 0.60 -28.78 -9.99
CA ARG A 11 1.16 -29.33 -11.25
C ARG A 11 0.62 -28.55 -12.48
N HIS A 12 -0.54 -27.90 -12.34
CA HIS A 12 -1.15 -27.10 -13.41
C HIS A 12 -0.59 -25.66 -13.44
N LEU A 13 0.11 -25.22 -12.36
CA LEU A 13 0.73 -23.90 -12.27
C LEU A 13 2.13 -23.96 -12.86
N LYS A 14 2.28 -23.49 -14.10
CA LYS A 14 3.56 -23.52 -14.80
C LYS A 14 4.30 -22.22 -14.59
N TYR A 15 5.51 -22.32 -14.05
CA TYR A 15 6.40 -21.20 -13.77
C TYR A 15 6.84 -20.53 -15.07
N ILE A 16 6.65 -19.19 -15.16
CA ILE A 16 7.06 -18.36 -16.30
C ILE A 16 8.31 -17.55 -15.90
N SER A 17 8.20 -16.72 -14.84
CA SER A 17 9.28 -15.86 -14.35
C SER A 17 9.01 -15.41 -12.93
N GLN A 18 9.98 -14.72 -12.34
CA GLN A 18 9.93 -14.20 -10.98
C GLN A 18 9.48 -12.76 -11.02
N LEU A 19 8.30 -12.48 -10.47
CA LEU A 19 7.79 -11.10 -10.40
C LEU A 19 8.61 -10.28 -9.40
N GLY A 20 8.92 -10.87 -8.26
CA GLY A 20 9.75 -10.23 -7.26
C GLY A 20 9.93 -11.06 -6.00
N LYS A 21 10.95 -10.68 -5.21
CA LYS A 21 11.29 -11.26 -3.90
C LYS A 21 11.59 -10.09 -2.94
N GLY A 22 10.88 -10.07 -1.83
CA GLY A 22 11.01 -9.07 -0.78
C GLY A 22 10.20 -9.44 0.44
N ASN A 23 9.88 -8.43 1.29
CA ASN A 23 9.08 -8.60 2.51
C ASN A 23 7.66 -9.12 2.16
N PHE A 24 7.21 -8.78 0.93
CA PHE A 24 5.91 -9.14 0.36
C PHE A 24 5.87 -10.62 -0.11
N GLY A 25 6.96 -11.35 0.16
CA GLY A 25 7.13 -12.76 -0.18
C GLY A 25 7.89 -13.00 -1.47
N SER A 26 7.79 -14.25 -1.98
CA SER A 26 8.37 -14.70 -3.26
C SER A 26 7.23 -14.81 -4.23
N VAL A 27 7.22 -13.92 -5.21
CA VAL A 27 6.10 -13.86 -6.13
C VAL A 27 6.56 -14.26 -7.50
N GLU A 28 5.88 -15.23 -8.05
CA GLU A 28 6.22 -15.76 -9.36
C GLU A 28 5.09 -15.57 -10.35
N LEU A 29 5.42 -15.16 -11.57
CA LEU A 29 4.39 -15.12 -12.60
C LEU A 29 4.28 -16.56 -13.12
N CYS A 30 3.07 -17.13 -13.06
CA CYS A 30 2.75 -18.51 -13.50
C CYS A 30 1.61 -18.51 -14.48
N ARG A 31 1.49 -19.60 -15.23
CA ARG A 31 0.36 -19.85 -16.12
C ARG A 31 -0.44 -20.99 -15.53
N TYR A 32 -1.76 -20.80 -15.38
CA TYR A 32 -2.61 -21.89 -14.91
C TYR A 32 -3.08 -22.63 -16.13
N ASP A 33 -2.41 -23.74 -16.43
CA ASP A 33 -2.60 -24.53 -17.65
C ASP A 33 -3.07 -25.99 -17.39
N PRO A 34 -4.34 -26.24 -16.97
CA PRO A 34 -4.78 -27.64 -16.77
C PRO A 34 -4.84 -28.47 -18.06
N LEU A 35 -5.14 -27.83 -19.21
CA LEU A 35 -5.21 -28.50 -20.52
C LEU A 35 -3.81 -28.87 -21.05
N GLY A 36 -2.78 -28.19 -20.54
CA GLY A 36 -1.38 -28.41 -20.87
C GLY A 36 -1.05 -28.15 -22.32
N ASP A 37 -1.32 -26.92 -22.78
CA ASP A 37 -1.09 -26.48 -24.16
C ASP A 37 -0.60 -25.00 -24.24
N ASN A 38 -0.34 -24.38 -23.06
CA ASN A 38 0.11 -22.98 -22.89
C ASN A 38 -1.03 -22.01 -23.27
N THR A 39 -2.29 -22.42 -22.99
CA THR A 39 -3.52 -21.67 -23.28
C THR A 39 -4.01 -20.87 -22.07
N GLY A 40 -3.82 -21.43 -20.88
CA GLY A 40 -4.30 -20.87 -19.62
C GLY A 40 -3.93 -19.45 -19.25
N ALA A 41 -4.72 -18.88 -18.31
CA ALA A 41 -4.54 -17.53 -17.80
C ALA A 41 -3.24 -17.39 -17.03
N LEU A 42 -2.70 -16.18 -17.01
CA LEU A 42 -1.52 -15.83 -16.24
C LEU A 42 -2.00 -15.41 -14.85
N VAL A 43 -1.25 -15.78 -13.81
CA VAL A 43 -1.58 -15.46 -12.42
C VAL A 43 -0.32 -15.11 -11.65
N ALA A 44 -0.45 -14.32 -10.59
CA ALA A 44 0.67 -13.98 -9.70
C ALA A 44 0.56 -14.94 -8.52
N VAL A 45 1.66 -15.66 -8.21
CA VAL A 45 1.63 -16.68 -7.17
C VAL A 45 2.64 -16.34 -6.09
N LYS A 46 2.14 -16.13 -4.88
CA LYS A 46 2.93 -15.78 -3.71
C LYS A 46 3.16 -17.00 -2.85
N GLN A 47 4.39 -17.15 -2.37
CA GLN A 47 4.77 -18.19 -1.45
C GLN A 47 5.69 -17.58 -0.40
N LEU A 48 5.76 -18.21 0.78
CA LEU A 48 6.71 -17.79 1.81
C LEU A 48 7.83 -18.84 1.84
N GLN A 49 9.05 -18.46 1.42
CA GLN A 49 10.18 -19.40 1.38
C GLN A 49 10.76 -19.58 2.79
N HIS A 50 11.06 -20.85 3.18
CA HIS A 50 11.60 -21.27 4.50
C HIS A 50 10.71 -20.70 5.63
N SER A 51 9.38 -20.86 5.47
CA SER A 51 8.37 -20.35 6.39
C SER A 51 7.99 -21.37 7.45
N GLY A 52 8.17 -20.97 8.71
CA GLY A 52 7.83 -21.77 9.87
C GLY A 52 6.33 -21.90 10.09
N PRO A 53 5.88 -22.62 11.16
CA PRO A 53 4.43 -22.80 11.38
C PRO A 53 3.70 -21.53 11.80
N ASP A 54 4.40 -20.55 12.40
CA ASP A 54 3.82 -19.28 12.82
C ASP A 54 3.63 -18.36 11.60
N GLN A 55 4.63 -18.31 10.69
CA GLN A 55 4.59 -17.51 9.46
C GLN A 55 3.48 -18.03 8.53
N GLN A 56 3.38 -19.37 8.40
CA GLN A 56 2.38 -20.05 7.60
C GLN A 56 0.96 -19.81 8.13
N ARG A 57 0.81 -19.66 9.47
CA ARG A 57 -0.49 -19.38 10.12
C ARG A 57 -0.94 -17.94 9.78
N ASP A 58 0.03 -16.99 9.75
CA ASP A 58 -0.20 -15.59 9.38
C ASP A 58 -0.60 -15.48 7.93
N PHE A 59 0.01 -16.34 7.05
CA PHE A 59 -0.27 -16.44 5.61
C PHE A 59 -1.69 -16.89 5.39
N GLN A 60 -2.13 -17.95 6.12
CA GLN A 60 -3.50 -18.48 6.02
C GLN A 60 -4.50 -17.37 6.33
N ARG A 61 -4.16 -16.48 7.30
CA ARG A 61 -4.95 -15.31 7.71
C ARG A 61 -5.04 -14.27 6.59
N GLU A 62 -3.91 -14.00 5.90
CA GLU A 62 -3.83 -13.06 4.78
C GLU A 62 -4.75 -13.53 3.64
N ILE A 63 -4.68 -14.84 3.33
CA ILE A 63 -5.48 -15.52 2.31
C ILE A 63 -6.98 -15.33 2.60
N GLN A 64 -7.39 -15.50 3.87
CA GLN A 64 -8.81 -15.36 4.24
C GLN A 64 -9.27 -13.90 4.15
N ILE A 65 -8.37 -12.92 4.39
CA ILE A 65 -8.74 -11.50 4.28
C ILE A 65 -9.03 -11.21 2.81
N LEU A 66 -8.07 -11.54 1.91
CA LEU A 66 -8.17 -11.33 0.47
C LEU A 66 -9.37 -12.02 -0.18
N LYS A 67 -9.68 -13.28 0.25
CA LYS A 67 -10.81 -14.10 -0.22
C LYS A 67 -12.16 -13.39 0.01
N ALA A 68 -12.30 -12.73 1.16
CA ALA A 68 -13.51 -12.02 1.55
C ALA A 68 -13.58 -10.55 1.01
N LEU A 69 -12.53 -10.06 0.30
CA LEU A 69 -12.52 -8.69 -0.22
C LEU A 69 -13.01 -8.62 -1.66
N HIS A 70 -13.99 -7.74 -1.94
CA HIS A 70 -14.53 -7.60 -3.28
C HIS A 70 -14.65 -6.13 -3.66
N SER A 71 -13.59 -5.62 -4.30
CA SER A 71 -13.55 -4.23 -4.73
C SER A 71 -12.85 -4.10 -6.05
N ASP A 72 -13.34 -3.19 -6.91
CA ASP A 72 -12.66 -2.93 -8.17
C ASP A 72 -11.30 -2.25 -7.92
N PHE A 73 -11.07 -1.71 -6.69
CA PHE A 73 -9.81 -1.01 -6.35
C PHE A 73 -8.95 -1.84 -5.36
N ILE A 74 -9.20 -3.16 -5.31
CA ILE A 74 -8.38 -4.09 -4.53
C ILE A 74 -8.11 -5.28 -5.45
N VAL A 75 -6.83 -5.65 -5.59
CA VAL A 75 -6.35 -6.78 -6.39
C VAL A 75 -7.18 -8.04 -6.05
N LYS A 76 -7.65 -8.72 -7.10
CA LYS A 76 -8.57 -9.83 -7.01
C LYS A 76 -7.90 -11.14 -6.60
N TYR A 77 -8.43 -11.75 -5.54
CA TYR A 77 -8.04 -13.09 -5.08
C TYR A 77 -8.57 -14.12 -6.09
N ARG A 78 -7.76 -15.12 -6.47
CA ARG A 78 -8.22 -16.17 -7.40
C ARG A 78 -8.37 -17.51 -6.65
N GLY A 79 -7.34 -17.89 -5.91
CA GLY A 79 -7.38 -19.11 -5.13
C GLY A 79 -6.14 -19.42 -4.33
N VAL A 80 -6.06 -20.67 -3.89
CA VAL A 80 -4.95 -21.25 -3.11
C VAL A 80 -4.45 -22.51 -3.80
N SER A 81 -3.19 -22.84 -3.58
CA SER A 81 -2.55 -24.04 -4.07
C SER A 81 -1.90 -24.78 -2.89
N TYR A 82 -2.19 -26.10 -2.77
CA TYR A 82 -1.71 -27.07 -1.76
C TYR A 82 -2.27 -26.78 -0.36
N GLY A 83 -3.59 -26.81 -0.24
CA GLY A 83 -4.29 -26.59 1.02
C GLY A 83 -4.94 -25.22 1.12
N SER A 88 5.06 -24.15 0.90
CA SER A 88 4.05 -25.19 1.02
C SER A 88 2.72 -24.67 0.48
N LEU A 89 2.18 -23.62 1.13
CA LEU A 89 0.93 -22.97 0.78
C LEU A 89 1.24 -21.84 -0.20
N ARG A 90 0.42 -21.71 -1.23
CA ARG A 90 0.59 -20.68 -2.25
C ARG A 90 -0.69 -19.89 -2.44
N LEU A 91 -0.57 -18.56 -2.50
CA LEU A 91 -1.69 -17.66 -2.74
C LEU A 91 -1.75 -17.32 -4.24
N VAL A 92 -2.90 -17.49 -4.86
CA VAL A 92 -3.06 -17.22 -6.30
C VAL A 92 -3.89 -15.92 -6.49
N MET A 93 -3.25 -14.95 -7.16
CA MET A 93 -3.87 -13.64 -7.43
C MET A 93 -3.94 -13.35 -8.92
N GLU A 94 -4.84 -12.44 -9.32
CA GLU A 94 -4.90 -11.96 -10.71
C GLU A 94 -3.57 -11.29 -11.06
N TYR A 95 -3.13 -11.45 -12.30
CA TYR A 95 -1.87 -10.85 -12.72
C TYR A 95 -2.16 -9.47 -13.35
N LEU A 96 -1.47 -8.41 -12.88
CA LEU A 96 -1.58 -7.06 -13.46
C LEU A 96 -0.22 -6.73 -14.10
N PRO A 97 -0.12 -6.86 -15.43
CA PRO A 97 1.20 -6.72 -16.08
C PRO A 97 1.78 -5.30 -16.16
N SER A 98 1.02 -4.24 -15.83
CA SER A 98 1.62 -2.90 -15.94
C SER A 98 2.54 -2.57 -14.72
N GLY A 99 2.59 -3.46 -13.73
CA GLY A 99 3.44 -3.32 -12.57
C GLY A 99 2.95 -2.39 -11.48
N CYS A 100 3.85 -2.04 -10.56
CA CYS A 100 3.52 -1.16 -9.45
C CYS A 100 3.43 0.32 -9.90
N LEU A 101 2.63 1.10 -9.15
CA LEU A 101 2.39 2.52 -9.43
C LEU A 101 3.68 3.31 -9.30
N ARG A 102 4.53 2.91 -8.38
CA ARG A 102 5.80 3.61 -8.19
C ARG A 102 6.61 3.62 -9.51
N ASP A 103 6.80 2.45 -10.15
CA ASP A 103 7.58 2.34 -11.40
C ASP A 103 6.87 3.01 -12.58
N PHE A 104 5.55 2.88 -12.66
CA PHE A 104 4.72 3.49 -13.72
C PHE A 104 4.86 5.03 -13.72
N LEU A 105 4.79 5.65 -12.52
CA LEU A 105 4.92 7.11 -12.37
C LEU A 105 6.29 7.61 -12.80
N GLN A 106 7.36 6.89 -12.40
CA GLN A 106 8.74 7.25 -12.76
C GLN A 106 8.93 7.26 -14.30
N ARG A 107 8.39 6.23 -14.96
CA ARG A 107 8.46 5.95 -16.39
C ARG A 107 7.60 6.90 -17.25
N HIS A 108 6.37 7.21 -16.81
CA HIS A 108 5.44 8.02 -17.61
C HIS A 108 5.21 9.44 -17.04
N ARG A 109 6.09 9.89 -16.11
CA ARG A 109 6.01 11.19 -15.47
C ARG A 109 5.66 12.35 -16.46
N ALA A 110 6.41 12.47 -17.59
CA ALA A 110 6.29 13.52 -18.63
C ALA A 110 4.88 13.65 -19.24
N ARG A 111 4.05 12.60 -19.15
CA ARG A 111 2.71 12.63 -19.74
C ARG A 111 1.57 12.35 -18.72
N LEU A 112 1.87 12.38 -17.40
CA LEU A 112 0.84 12.17 -16.38
C LEU A 112 0.59 13.47 -15.66
N ASP A 113 -0.59 14.08 -15.86
CA ASP A 113 -0.86 15.37 -15.22
C ASP A 113 -1.53 15.18 -13.85
N ALA A 114 -1.73 16.30 -13.12
CA ALA A 114 -2.35 16.34 -11.79
C ALA A 114 -3.70 15.64 -11.76
N SER A 115 -4.55 15.81 -12.80
CA SER A 115 -5.88 15.19 -12.84
C SER A 115 -5.78 13.66 -12.89
N ARG A 116 -4.79 13.11 -13.60
CA ARG A 116 -4.52 11.67 -13.67
C ARG A 116 -4.01 11.15 -12.30
N LEU A 117 -3.15 11.93 -11.62
CA LEU A 117 -2.68 11.62 -10.26
C LEU A 117 -3.86 11.68 -9.26
N LEU A 118 -4.79 12.65 -9.45
CA LEU A 118 -5.97 12.79 -8.58
C LEU A 118 -6.94 11.64 -8.81
N LEU A 119 -7.07 11.15 -10.07
CA LEU A 119 -7.87 9.97 -10.41
C LEU A 119 -7.34 8.72 -9.64
N TYR A 120 -6.01 8.45 -9.66
CA TYR A 120 -5.42 7.33 -8.90
C TYR A 120 -5.65 7.49 -7.39
N SER A 121 -5.45 8.71 -6.86
CA SER A 121 -5.66 9.04 -5.43
C SER A 121 -7.04 8.68 -5.00
N SER A 122 -8.06 9.02 -5.84
CA SER A 122 -9.47 8.80 -5.59
C SER A 122 -9.79 7.32 -5.55
N GLN A 123 -9.19 6.53 -6.46
CA GLN A 123 -9.36 5.09 -6.58
C GLN A 123 -8.75 4.38 -5.35
N ILE A 124 -7.52 4.76 -4.95
CA ILE A 124 -6.88 4.24 -3.75
C ILE A 124 -7.78 4.55 -2.52
N CYS A 125 -8.30 5.78 -2.45
CA CYS A 125 -9.15 6.24 -1.35
C CYS A 125 -10.46 5.42 -1.29
N LYS A 126 -11.06 5.09 -2.46
CA LYS A 126 -12.28 4.26 -2.50
C LYS A 126 -12.02 2.84 -2.01
N GLY A 127 -10.88 2.27 -2.45
CA GLY A 127 -10.43 0.93 -2.04
C GLY A 127 -10.21 0.87 -0.54
N MET A 128 -9.63 1.96 0.01
CA MET A 128 -9.35 2.12 1.44
C MET A 128 -10.63 2.36 2.23
N GLU A 129 -11.61 3.05 1.63
CA GLU A 129 -12.88 3.25 2.33
C GLU A 129 -13.55 1.87 2.49
N TYR A 130 -13.55 1.07 1.41
CA TYR A 130 -14.10 -0.27 1.37
C TYR A 130 -13.36 -1.19 2.39
N LEU A 131 -12.04 -1.08 2.48
CA LEU A 131 -11.21 -1.86 3.40
C LEU A 131 -11.60 -1.57 4.85
N GLY A 132 -11.80 -0.29 5.16
CA GLY A 132 -12.21 0.16 6.47
C GLY A 132 -13.59 -0.29 6.89
N SER A 133 -14.54 -0.36 5.93
CA SER A 133 -15.89 -0.84 6.19
C SER A 133 -15.86 -2.35 6.54
N ARG A 134 -14.78 -3.06 6.13
CA ARG A 134 -14.55 -4.47 6.38
C ARG A 134 -13.74 -4.66 7.66
N ARG A 135 -13.43 -3.53 8.34
CA ARG A 135 -12.66 -3.44 9.59
C ARG A 135 -11.27 -4.08 9.41
N CYS A 136 -10.65 -3.79 8.27
CA CYS A 136 -9.30 -4.26 7.96
C CYS A 136 -8.36 -3.06 7.83
N VAL A 137 -7.17 -3.20 8.42
CA VAL A 137 -6.09 -2.21 8.36
C VAL A 137 -5.03 -2.77 7.41
N HIS A 138 -4.67 -2.02 6.37
CA HIS A 138 -3.68 -2.47 5.40
C HIS A 138 -2.28 -2.51 6.03
N ARG A 139 -1.88 -1.43 6.73
CA ARG A 139 -0.59 -1.26 7.44
C ARG A 139 0.57 -0.96 6.51
N ASP A 140 0.39 -0.97 5.18
CA ASP A 140 1.53 -0.67 4.31
C ASP A 140 1.14 0.00 3.02
N LEU A 141 0.31 1.03 3.11
CA LEU A 141 0.00 1.88 1.97
C LEU A 141 1.27 2.59 1.53
N ALA A 142 1.65 2.36 0.27
CA ALA A 142 2.84 2.92 -0.41
C ALA A 142 2.62 2.75 -1.92
N ALA A 143 3.20 3.65 -2.74
CA ALA A 143 3.07 3.57 -4.20
C ALA A 143 3.56 2.23 -4.72
N ARG A 144 4.61 1.65 -4.06
CA ARG A 144 5.12 0.32 -4.40
C ARG A 144 4.00 -0.75 -4.32
N ASN A 145 3.06 -0.58 -3.37
CA ASN A 145 1.99 -1.55 -3.05
C ASN A 145 0.69 -1.27 -3.76
N ILE A 146 0.77 -0.44 -4.81
CA ILE A 146 -0.37 -0.11 -5.67
C ILE A 146 -0.03 -0.66 -7.04
N LEU A 147 -0.96 -1.41 -7.64
CA LEU A 147 -0.73 -1.99 -8.95
C LEU A 147 -1.53 -1.28 -10.01
N VAL A 148 -1.00 -1.20 -11.23
CA VAL A 148 -1.67 -0.54 -12.35
C VAL A 148 -2.43 -1.60 -13.18
N GLU A 149 -3.77 -1.48 -13.24
CA GLU A 149 -4.65 -2.37 -14.03
C GLU A 149 -4.66 -1.86 -15.47
N SER A 150 -4.83 -0.52 -15.63
CA SER A 150 -4.76 0.22 -16.89
C SER A 150 -4.42 1.66 -16.57
N GLU A 151 -4.26 2.47 -17.64
CA GLU A 151 -3.88 3.90 -17.58
C GLU A 151 -4.75 4.71 -16.62
N ALA A 152 -6.05 4.37 -16.55
CA ALA A 152 -7.06 5.04 -15.73
C ALA A 152 -7.63 4.10 -14.62
N HIS A 153 -6.85 3.06 -14.20
CA HIS A 153 -7.33 2.13 -13.15
C HIS A 153 -6.16 1.51 -12.35
N VAL A 154 -6.12 1.80 -11.06
CA VAL A 154 -5.12 1.25 -10.13
C VAL A 154 -5.85 0.39 -9.06
N LYS A 155 -5.12 -0.51 -8.38
CA LYS A 155 -5.65 -1.40 -7.36
C LYS A 155 -4.68 -1.57 -6.20
N ILE A 156 -5.21 -1.57 -4.97
CA ILE A 156 -4.38 -1.78 -3.77
C ILE A 156 -3.91 -3.23 -3.75
N ALA A 157 -2.61 -3.47 -3.47
CA ALA A 157 -2.02 -4.80 -3.40
C ALA A 157 -1.20 -4.98 -2.14
N ASP A 158 -0.52 -6.13 -2.04
CA ASP A 158 0.37 -6.52 -0.94
C ASP A 158 -0.33 -6.41 0.42
N PHE A 159 -1.05 -7.50 0.79
CA PHE A 159 -1.81 -7.62 2.04
C PHE A 159 -1.04 -8.45 3.09
N GLY A 160 0.27 -8.57 2.91
CA GLY A 160 1.15 -9.30 3.83
C GLY A 160 1.19 -8.79 5.27
N LEU A 161 0.87 -7.50 5.48
CA LEU A 161 0.87 -6.88 6.81
C LEU A 161 -0.54 -6.59 7.30
N ALA A 162 -1.55 -6.75 6.43
CA ALA A 162 -2.94 -6.43 6.74
C ALA A 162 -3.45 -7.22 7.95
N LYS A 163 -4.26 -6.54 8.78
CA LYS A 163 -4.87 -7.09 9.99
C LYS A 163 -6.34 -6.80 10.02
N LEU A 164 -7.11 -7.74 10.56
CA LEU A 164 -8.53 -7.53 10.81
C LEU A 164 -8.62 -6.94 12.22
N LEU A 165 -9.38 -5.85 12.39
CA LEU A 165 -9.51 -5.22 13.72
C LEU A 165 -10.25 -6.13 14.70
N PRO A 166 -9.97 -6.06 16.03
CA PRO A 166 -10.79 -6.85 16.98
C PRO A 166 -12.25 -6.37 16.92
N LEU A 167 -13.21 -7.26 17.22
CA LEU A 167 -14.63 -6.91 17.16
C LEU A 167 -14.97 -5.77 18.14
N ASP A 168 -14.24 -5.67 19.26
CA ASP A 168 -14.49 -4.65 20.28
C ASP A 168 -13.44 -3.49 20.29
N LYS A 169 -12.49 -3.44 19.33
CA LYS A 169 -11.48 -2.37 19.31
C LYS A 169 -11.31 -1.78 17.90
N ASP A 170 -11.01 -0.47 17.83
CA ASP A 170 -10.82 0.20 16.54
C ASP A 170 -9.32 0.38 16.19
N TYR A 171 -8.45 -0.32 16.93
CA TYR A 171 -7.02 -0.28 16.73
C TYR A 171 -6.44 -1.68 16.97
N TYR A 172 -5.26 -1.94 16.42
CA TYR A 172 -4.56 -3.22 16.51
C TYR A 172 -3.13 -2.94 16.95
N VAL A 173 -2.65 -3.64 17.99
CA VAL A 173 -1.28 -3.49 18.51
C VAL A 173 -0.48 -4.63 17.94
N VAL A 174 0.56 -4.33 17.14
CA VAL A 174 1.34 -5.35 16.45
C VAL A 174 2.68 -5.54 17.16
N ARG A 175 2.87 -6.74 17.75
CA ARG A 175 4.11 -7.11 18.42
C ARG A 175 4.75 -8.23 17.60
N GLU A 176 5.46 -7.85 16.51
CA GLU A 176 6.11 -8.78 15.59
C GLU A 176 7.55 -8.36 15.24
N PRO A 177 8.49 -9.33 15.08
CA PRO A 177 9.87 -8.96 14.75
C PRO A 177 10.01 -8.50 13.29
N GLY A 178 11.11 -7.79 12.99
CA GLY A 178 11.40 -7.30 11.64
C GLY A 178 11.47 -5.79 11.47
N GLN A 179 11.93 -5.36 10.29
CA GLN A 179 12.07 -3.96 9.90
C GLN A 179 10.74 -3.40 9.40
N SER A 180 10.49 -2.13 9.68
CA SER A 180 9.29 -1.40 9.28
C SER A 180 9.63 -0.29 8.30
N PRO A 181 8.73 0.10 7.36
CA PRO A 181 9.00 1.28 6.52
C PRO A 181 8.61 2.53 7.33
N ILE A 182 9.46 2.89 8.31
CA ILE A 182 9.25 3.93 9.30
C ILE A 182 8.90 5.31 8.68
N PHE A 183 9.38 5.60 7.47
CA PHE A 183 9.16 6.91 6.85
C PHE A 183 7.77 7.08 6.23
N TRP A 184 6.95 6.00 6.23
CA TRP A 184 5.54 5.94 5.77
C TRP A 184 4.56 5.81 6.97
N TYR A 185 5.10 5.59 8.20
CA TYR A 185 4.33 5.25 9.40
C TYR A 185 3.89 6.42 10.28
N ALA A 186 2.66 6.29 10.83
CA ALA A 186 2.06 7.27 11.75
C ALA A 186 2.85 7.29 13.08
N PRO A 187 2.90 8.42 13.82
CA PRO A 187 3.72 8.47 15.05
C PRO A 187 3.30 7.45 16.12
N GLU A 188 1.99 7.14 16.22
CA GLU A 188 1.50 6.16 17.19
C GLU A 188 1.92 4.73 16.79
N SER A 189 2.20 4.51 15.48
CA SER A 189 2.68 3.23 14.97
C SER A 189 4.18 3.11 15.30
N LEU A 190 4.92 4.18 15.05
CA LEU A 190 6.34 4.27 15.35
C LEU A 190 6.64 4.14 16.84
N SER A 191 5.88 4.85 17.70
CA SER A 191 6.16 4.85 19.12
C SER A 191 5.58 3.67 19.88
N ASP A 192 4.32 3.26 19.59
CA ASP A 192 3.67 2.23 20.40
C ASP A 192 3.09 1.07 19.62
N ASN A 193 3.46 0.94 18.32
CA ASN A 193 3.01 -0.16 17.45
C ASN A 193 1.48 -0.26 17.34
N ILE A 194 0.78 0.90 17.44
CA ILE A 194 -0.67 1.01 17.29
C ILE A 194 -0.97 1.23 15.82
N PHE A 195 -1.86 0.41 15.26
CA PHE A 195 -2.32 0.51 13.89
C PHE A 195 -3.83 0.58 13.88
N SER A 196 -4.38 1.36 12.93
CA SER A 196 -5.81 1.58 12.80
C SER A 196 -6.13 2.11 11.40
N ARG A 197 -7.42 2.33 11.15
CA ARG A 197 -7.85 2.91 9.89
C ARG A 197 -7.29 4.34 9.76
N GLN A 198 -7.10 5.04 10.89
CA GLN A 198 -6.55 6.41 10.92
C GLN A 198 -5.01 6.43 10.73
N SER A 199 -4.29 5.34 11.06
CA SER A 199 -2.86 5.25 10.76
C SER A 199 -2.73 4.93 9.26
N ASP A 200 -3.73 4.21 8.67
CA ASP A 200 -3.79 4.00 7.21
C ASP A 200 -4.03 5.34 6.50
N VAL A 201 -4.78 6.29 7.13
CA VAL A 201 -5.03 7.62 6.58
C VAL A 201 -3.70 8.41 6.53
N TRP A 202 -2.90 8.29 7.59
CA TRP A 202 -1.57 8.91 7.62
C TRP A 202 -0.73 8.42 6.44
N SER A 203 -0.63 7.09 6.24
CA SER A 203 0.16 6.50 5.15
C SER A 203 -0.41 6.92 3.81
N PHE A 204 -1.75 7.11 3.73
CA PHE A 204 -2.38 7.59 2.48
C PHE A 204 -1.85 9.00 2.10
N GLY A 205 -1.61 9.86 3.11
CA GLY A 205 -1.04 11.19 2.91
C GLY A 205 0.36 11.09 2.31
N VAL A 206 1.14 10.08 2.76
CA VAL A 206 2.46 9.81 2.24
C VAL A 206 2.30 9.30 0.77
N VAL A 207 1.29 8.42 0.49
CA VAL A 207 1.02 7.96 -0.90
C VAL A 207 0.75 9.22 -1.80
N LEU A 208 -0.08 10.17 -1.32
CA LEU A 208 -0.36 11.42 -2.05
C LEU A 208 0.93 12.16 -2.37
N TYR A 209 1.81 12.28 -1.36
CA TYR A 209 3.11 12.91 -1.54
C TYR A 209 3.92 12.16 -2.62
N GLU A 210 3.93 10.79 -2.60
CA GLU A 210 4.64 9.96 -3.58
C GLU A 210 4.13 10.22 -4.98
N LEU A 211 2.78 10.25 -5.15
CA LEU A 211 2.16 10.50 -6.45
C LEU A 211 2.58 11.85 -7.03
N PHE A 212 2.56 12.90 -6.18
CA PHE A 212 2.86 14.27 -6.62
C PHE A 212 4.37 14.55 -6.77
N THR A 213 5.23 13.61 -6.39
CA THR A 213 6.68 13.68 -6.64
C THR A 213 7.00 12.72 -7.79
N TYR A 214 5.96 12.06 -8.37
CA TYR A 214 6.10 11.02 -9.41
C TYR A 214 7.08 9.93 -8.96
N CYS A 215 7.15 9.68 -7.63
CA CYS A 215 8.00 8.70 -6.97
C CYS A 215 9.48 8.91 -7.30
N ASP A 216 9.89 10.18 -7.47
CA ASP A 216 11.28 10.57 -7.69
C ASP A 216 12.05 10.08 -6.46
N LYS A 217 13.07 9.23 -6.68
CA LYS A 217 13.87 8.63 -5.59
C LYS A 217 14.64 9.66 -4.77
N SER A 218 15.02 10.81 -5.39
CA SER A 218 15.81 11.85 -4.74
C SER A 218 15.03 12.65 -3.71
N CYS A 219 13.70 12.69 -3.82
CA CYS A 219 12.88 13.39 -2.83
C CYS A 219 11.76 12.45 -2.30
N SER A 220 12.10 11.15 -2.18
CA SER A 220 11.24 10.12 -1.62
C SER A 220 10.96 10.45 -0.14
N PRO A 221 9.90 9.87 0.50
CA PRO A 221 9.66 10.12 1.93
C PRO A 221 10.90 9.86 2.79
N SER A 222 11.61 8.76 2.52
CA SER A 222 12.85 8.39 3.24
C SER A 222 13.99 9.39 2.98
N ALA A 223 14.22 9.80 1.71
CA ALA A 223 15.30 10.75 1.37
C ALA A 223 15.04 12.10 1.99
N GLU A 224 13.77 12.56 1.96
CA GLU A 224 13.38 13.85 2.55
C GLU A 224 13.55 13.87 4.06
N PHE A 225 13.01 12.84 4.77
CA PHE A 225 13.10 12.77 6.23
C PHE A 225 14.55 12.63 6.67
N LEU A 226 15.38 11.85 5.92
CA LEU A 226 16.81 11.69 6.26
C LEU A 226 17.53 13.03 6.13
N ARG A 227 17.18 13.84 5.11
CA ARG A 227 17.75 15.19 4.96
C ARG A 227 17.30 16.10 6.11
N MET A 228 16.00 16.08 6.49
CA MET A 228 15.41 16.92 7.57
C MET A 228 16.07 16.68 8.92
N MET A 229 16.53 15.45 9.18
CA MET A 229 17.22 15.04 10.42
C MET A 229 18.46 15.88 10.68
N GLY A 230 19.08 16.37 9.62
CA GLY A 230 20.29 17.18 9.70
C GLY A 230 21.54 16.34 9.53
N CYS A 231 22.72 17.00 9.62
CA CYS A 231 24.05 16.41 9.46
C CYS A 231 24.41 15.46 10.61
N GLU A 232 23.88 15.71 11.84
CA GLU A 232 24.17 14.91 13.03
C GLU A 232 23.49 13.54 12.97
N ARG A 233 24.25 12.45 13.19
CA ARG A 233 23.73 11.07 13.13
C ARG A 233 24.11 10.23 14.39
N ASP A 234 24.34 10.90 15.53
CA ASP A 234 24.70 10.26 16.81
C ASP A 234 23.43 9.75 17.56
N VAL A 235 22.23 10.01 17.01
CA VAL A 235 20.93 9.60 17.56
C VAL A 235 20.28 8.58 16.60
N PRO A 236 19.74 7.41 17.07
CA PRO A 236 19.11 6.47 16.13
C PRO A 236 17.96 7.13 15.35
N ALA A 237 17.89 6.84 14.02
CA ALA A 237 16.92 7.40 13.08
C ALA A 237 15.48 7.42 13.59
N LEU A 238 14.99 6.29 14.18
CA LEU A 238 13.62 6.18 14.72
C LEU A 238 13.37 7.23 15.81
N CYS A 239 14.35 7.48 16.69
CA CYS A 239 14.23 8.49 17.75
C CYS A 239 14.23 9.89 17.12
N ARG A 240 15.11 10.12 16.13
CA ARG A 240 15.19 11.42 15.45
C ARG A 240 13.91 11.70 14.64
N LEU A 241 13.37 10.67 13.94
CA LEU A 241 12.13 10.77 13.18
C LEU A 241 10.96 11.15 14.10
N LEU A 242 10.82 10.48 15.27
CA LEU A 242 9.76 10.80 16.23
C LEU A 242 9.85 12.28 16.72
N GLU A 243 11.09 12.78 17.07
CA GLU A 243 11.33 14.18 17.49
C GLU A 243 10.86 15.17 16.43
N LEU A 244 11.24 14.94 15.16
CA LEU A 244 10.86 15.73 13.98
C LEU A 244 9.35 15.83 13.85
N LEU A 245 8.67 14.67 13.95
CA LEU A 245 7.22 14.61 13.83
C LEU A 245 6.56 15.30 15.01
N GLU A 246 7.05 15.05 16.24
CA GLU A 246 6.53 15.68 17.46
C GLU A 246 6.65 17.22 17.39
N GLU A 247 7.73 17.77 16.83
CA GLU A 247 7.81 19.24 16.77
C GLU A 247 7.04 19.86 15.56
N GLY A 248 6.36 19.02 14.76
CA GLY A 248 5.54 19.51 13.66
C GLY A 248 6.18 19.54 12.30
N GLN A 249 7.37 18.94 12.16
CA GLN A 249 8.00 18.86 10.85
C GLN A 249 7.30 17.79 10.04
N ARG A 250 7.13 18.08 8.75
CA ARG A 250 6.47 17.22 7.79
C ARG A 250 7.18 17.28 6.45
N LEU A 251 6.90 16.30 5.57
CA LEU A 251 7.39 16.28 4.18
C LEU A 251 6.96 17.58 3.48
N PRO A 252 7.81 18.22 2.66
CA PRO A 252 7.40 19.50 2.06
C PRO A 252 6.38 19.32 0.94
N ALA A 253 5.78 20.43 0.48
CA ALA A 253 4.88 20.38 -0.66
C ALA A 253 5.70 20.02 -1.90
N PRO A 254 5.34 18.93 -2.64
CA PRO A 254 6.11 18.59 -3.86
C PRO A 254 6.11 19.72 -4.87
N PRO A 255 7.16 19.86 -5.74
CA PRO A 255 7.10 20.91 -6.77
C PRO A 255 5.91 20.64 -7.71
N ALA A 256 5.14 21.70 -8.04
CA ALA A 256 3.93 21.67 -8.90
C ALA A 256 2.74 20.91 -8.25
N CYS A 257 2.77 20.67 -6.93
CA CYS A 257 1.63 20.04 -6.26
C CYS A 257 0.57 21.11 -6.00
N PRO A 258 -0.68 20.98 -6.48
CA PRO A 258 -1.71 21.98 -6.13
C PRO A 258 -1.78 22.21 -4.63
N ALA A 259 -1.91 23.49 -4.20
CA ALA A 259 -1.96 23.88 -2.79
C ALA A 259 -3.04 23.10 -2.00
N GLU A 260 -4.20 22.83 -2.62
CA GLU A 260 -5.29 22.08 -1.98
C GLU A 260 -4.93 20.58 -1.78
N VAL A 261 -4.10 19.98 -2.67
CA VAL A 261 -3.67 18.58 -2.49
C VAL A 261 -2.71 18.50 -1.30
N HIS A 262 -1.77 19.46 -1.18
CA HIS A 262 -0.86 19.57 -0.05
C HIS A 262 -1.65 19.82 1.26
N GLU A 263 -2.75 20.61 1.20
CA GLU A 263 -3.60 20.83 2.38
C GLU A 263 -4.23 19.50 2.84
N LEU A 264 -4.63 18.61 1.90
CA LEU A 264 -5.18 17.29 2.26
C LEU A 264 -4.11 16.38 2.91
N MET A 265 -2.86 16.42 2.40
CA MET A 265 -1.71 15.68 2.97
C MET A 265 -1.50 16.05 4.42
N LYS A 266 -1.40 17.36 4.70
CA LYS A 266 -1.19 17.92 6.04
C LYS A 266 -2.31 17.49 7.00
N LEU A 267 -3.57 17.39 6.49
CA LEU A 267 -4.70 16.89 7.30
C LEU A 267 -4.51 15.39 7.60
N CYS A 268 -3.99 14.60 6.63
CA CYS A 268 -3.72 13.16 6.81
C CYS A 268 -2.62 12.99 7.84
N TRP A 269 -1.75 14.01 7.99
CA TRP A 269 -0.63 13.97 8.91
C TRP A 269 -0.90 14.74 10.21
N ALA A 270 -2.17 14.87 10.61
CA ALA A 270 -2.51 15.47 11.91
C ALA A 270 -1.89 14.58 13.01
N PRO A 271 -1.25 15.16 14.06
CA PRO A 271 -0.64 14.32 15.11
C PRO A 271 -1.66 13.37 15.79
N SER A 272 -2.87 13.86 16.04
CA SER A 272 -3.88 13.05 16.70
C SER A 272 -4.61 12.22 15.64
N PRO A 273 -4.72 10.88 15.84
CA PRO A 273 -5.40 10.04 14.84
C PRO A 273 -6.84 10.49 14.55
N GLN A 274 -7.61 10.88 15.61
CA GLN A 274 -8.99 11.38 15.50
C GLN A 274 -9.08 12.69 14.70
N ASP A 275 -7.99 13.51 14.67
CA ASP A 275 -8.00 14.76 13.91
C ASP A 275 -7.77 14.54 12.39
N ARG A 276 -7.37 13.31 11.99
CA ARG A 276 -7.13 12.99 10.58
C ARG A 276 -8.48 12.78 9.91
N PRO A 277 -8.67 13.19 8.64
CA PRO A 277 -9.95 12.90 7.99
C PRO A 277 -10.14 11.40 7.71
N SER A 278 -11.38 11.01 7.46
CA SER A 278 -11.67 9.64 7.08
C SER A 278 -11.53 9.48 5.57
N PHE A 279 -11.39 8.23 5.08
CA PHE A 279 -11.33 7.97 3.64
C PHE A 279 -12.68 8.41 3.01
N SER A 280 -13.82 8.25 3.74
CA SER A 280 -15.17 8.70 3.31
C SER A 280 -15.21 10.16 2.94
N ALA A 281 -14.57 11.01 3.78
CA ALA A 281 -14.54 12.46 3.64
C ALA A 281 -13.51 12.91 2.59
N LEU A 282 -12.37 12.21 2.47
CA LEU A 282 -11.30 12.51 1.50
C LEU A 282 -11.74 12.28 0.05
N GLY A 283 -12.39 11.14 -0.22
CA GLY A 283 -12.85 10.73 -1.55
C GLY A 283 -13.57 11.80 -2.37
N PRO A 284 -14.70 12.36 -1.86
CA PRO A 284 -15.42 13.43 -2.59
C PRO A 284 -14.55 14.68 -2.81
N GLN A 285 -13.61 14.94 -1.90
CA GLN A 285 -12.70 16.09 -2.03
C GLN A 285 -11.67 15.84 -3.15
N LEU A 286 -11.14 14.60 -3.27
CA LEU A 286 -10.17 14.26 -4.34
C LEU A 286 -10.90 14.26 -5.68
N ASP A 287 -12.16 13.80 -5.71
CA ASP A 287 -13.01 13.82 -6.92
C ASP A 287 -13.22 15.25 -7.42
N MET A 288 -13.51 16.17 -6.47
CA MET A 288 -13.74 17.59 -6.74
C MET A 288 -12.46 18.20 -7.33
N LEU A 289 -11.29 17.87 -6.74
CA LEU A 289 -9.98 18.35 -7.24
C LEU A 289 -9.68 17.75 -8.62
N TRP A 290 -10.02 16.46 -8.86
CA TRP A 290 -9.87 15.82 -10.17
C TRP A 290 -10.70 16.57 -11.24
N SER A 291 -11.94 17.03 -10.90
CA SER A 291 -12.82 17.72 -11.86
C SER A 291 -12.18 19.00 -12.44
N GLY A 292 -11.26 19.63 -11.70
CA GLY A 292 -10.64 20.88 -12.13
C GLY A 292 -11.52 22.10 -11.87
N SER A 293 -12.73 21.88 -11.34
CA SER A 293 -13.66 22.95 -10.97
C SER A 293 -13.06 23.88 -9.91
N ARG A 294 -13.48 25.15 -9.92
CA ARG A 294 -13.14 26.11 -8.87
C ARG A 294 -13.89 25.67 -7.64
N GLY A 295 -13.26 25.80 -6.47
CA GLY A 295 -13.84 25.43 -5.18
C GLY A 295 -14.95 26.34 -4.72
#